data_6HF7
#
_entry.id   6HF7
#
_cell.length_a   131.326
_cell.length_b   131.326
_cell.length_c   88.403
_cell.angle_alpha   90.00
_cell.angle_beta   90.00
_cell.angle_gamma   90.00
#
_symmetry.space_group_name_H-M   'P 4 21 2'
#
loop_
_entity.id
_entity.type
_entity.pdbx_description
1 polymer 'Adenylate kinase'
2 non-polymer Tb-Xo4
3 non-polymer 'TERBIUM(III) ION'
4 non-polymer 'MAGNESIUM ION'
5 non-polymer GLYCEROL
6 water water
#
_entity_poly.entity_id   1
_entity_poly.type   'polypeptide(L)'
_entity_poly.pdbx_seq_one_letter_code
;MKNKLVVVTGVPGVGGTTITQKAMEKLSEEGINYKMVNFGTVMFEVAQEENLVEDRDQMRKLDPDTQKRIQKLAGRKIAE
MVKESPVVVDTHSTIKTPKGYLPGLPVWVLNELNPDIIIVVETSGDEILIRRLNDETRNRDLETTAGIEEHQIMNRAAAM
TYGVLTGATVKIIQNKNNLLDYAVEELISVLR
;
_entity_poly.pdbx_strand_id   A,B,C
#
loop_
_chem_comp.id
_chem_comp.type
_chem_comp.name
_chem_comp.formula
7MT non-polymer Tb-Xo4 'C20 H23 N5 O4 Tb 5'
GOL non-polymer GLYCEROL 'C3 H8 O3'
MG non-polymer 'MAGNESIUM ION' 'Mg 2'
TB non-polymer 'TERBIUM(III) ION' 'Tb 3'
#
# COMPACT_ATOMS: atom_id res chain seq x y z
N LYS A 2 0.76 -8.27 27.96
CA LYS A 2 1.42 -7.96 26.69
C LYS A 2 1.50 -9.19 25.73
N ASN A 3 0.43 -10.01 25.65
CA ASN A 3 0.40 -11.16 24.73
C ASN A 3 0.30 -10.62 23.31
N LYS A 4 1.04 -11.20 22.36
CA LYS A 4 0.96 -10.74 20.97
C LYS A 4 -0.21 -11.31 20.20
N LEU A 5 -0.66 -10.55 19.19
CA LEU A 5 -1.62 -10.96 18.20
C LEU A 5 -0.83 -10.92 16.88
N VAL A 6 -0.70 -12.09 16.25
CA VAL A 6 0.06 -12.23 15.00
C VAL A 6 -0.86 -12.73 13.91
N VAL A 7 -0.78 -12.15 12.73
CA VAL A 7 -1.57 -12.61 11.59
C VAL A 7 -0.59 -13.35 10.68
N VAL A 8 -0.89 -14.59 10.30
CA VAL A 8 -0.01 -15.36 9.38
C VAL A 8 -0.80 -15.54 8.08
N THR A 9 -0.19 -15.10 6.96
CA THR A 9 -0.83 -15.10 5.65
C THR A 9 0.07 -15.79 4.62
N GLY A 10 -0.50 -16.08 3.47
CA GLY A 10 0.23 -16.73 2.38
C GLY A 10 -0.71 -17.26 1.32
N VAL A 11 -0.26 -17.31 0.05
CA VAL A 11 -1.15 -17.81 -1.01
C VAL A 11 -1.44 -19.30 -0.79
N PRO A 12 -2.57 -19.83 -1.32
CA PRO A 12 -2.82 -21.29 -1.21
C PRO A 12 -1.63 -22.12 -1.75
N GLY A 13 -1.25 -23.14 -0.99
CA GLY A 13 -0.11 -24.00 -1.29
C GLY A 13 1.24 -23.61 -0.69
N VAL A 14 1.40 -22.40 -0.11
CA VAL A 14 2.69 -21.95 0.47
C VAL A 14 3.05 -22.69 1.81
N GLY A 15 2.05 -23.18 2.52
CA GLY A 15 2.25 -23.95 3.75
C GLY A 15 2.34 -23.14 5.03
N GLY A 16 1.75 -21.95 5.07
CA GLY A 16 1.79 -21.08 6.25
C GLY A 16 1.22 -21.72 7.52
N THR A 17 0.04 -22.36 7.46
CA THR A 17 -0.52 -23.01 8.68
C THR A 17 0.36 -24.19 9.13
N THR A 18 1.02 -24.89 8.19
CA THR A 18 1.91 -26.01 8.53
C THR A 18 3.10 -25.53 9.35
N ILE A 19 3.80 -24.49 8.88
CA ILE A 19 4.96 -23.98 9.62
C ILE A 19 4.50 -23.31 10.92
N THR A 20 3.31 -22.69 10.95
CA THR A 20 2.77 -22.08 12.20
C THR A 20 2.50 -23.15 13.25
N GLN A 21 1.84 -24.24 12.86
CA GLN A 21 1.56 -25.29 13.83
C GLN A 21 2.87 -25.90 14.38
N LYS A 22 3.91 -26.11 13.51
CA LYS A 22 5.19 -26.62 13.98
C LYS A 22 5.88 -25.62 14.94
N ALA A 23 5.87 -24.33 14.62
CA ALA A 23 6.45 -23.28 15.47
C ALA A 23 5.74 -23.24 16.84
N MET A 24 4.38 -23.36 16.86
CA MET A 24 3.57 -23.32 18.10
C MET A 24 3.92 -24.50 19.00
N GLU A 25 4.16 -25.64 18.38
CA GLU A 25 4.55 -26.85 19.10
C GLU A 25 5.88 -26.63 19.81
N LYS A 26 6.85 -26.08 19.11
CA LYS A 26 8.17 -25.84 19.69
C LYS A 26 8.11 -24.75 20.78
N LEU A 27 7.30 -23.70 20.57
CA LEU A 27 7.13 -22.66 21.59
C LEU A 27 6.50 -23.18 22.86
N SER A 28 5.60 -24.17 22.75
CA SER A 28 4.99 -24.80 23.93
C SER A 28 6.06 -25.41 24.87
N GLU A 29 7.19 -25.90 24.32
CA GLU A 29 8.27 -26.47 25.16
C GLU A 29 8.85 -25.46 26.12
N GLU A 30 8.81 -24.16 25.76
CA GLU A 30 9.31 -23.10 26.64
C GLU A 30 8.16 -22.41 27.36
N GLY A 31 7.00 -23.07 27.43
CA GLY A 31 5.84 -22.55 28.15
C GLY A 31 5.06 -21.44 27.48
N ILE A 32 5.20 -21.24 26.18
CA ILE A 32 4.46 -20.21 25.47
C ILE A 32 3.39 -20.96 24.68
N ASN A 33 2.14 -20.74 24.99
CA ASN A 33 1.03 -21.46 24.38
C ASN A 33 0.11 -20.58 23.54
N TYR A 34 0.43 -20.48 22.26
CA TYR A 34 -0.39 -19.75 21.32
C TYR A 34 -1.73 -20.46 21.08
N LYS A 35 -2.75 -19.67 20.74
CA LYS A 35 -4.04 -20.17 20.29
C LYS A 35 -4.13 -19.73 18.83
N MET A 36 -4.38 -20.68 17.92
CA MET A 36 -4.51 -20.36 16.51
C MET A 36 -5.99 -20.36 16.16
N VAL A 37 -6.42 -19.35 15.41
CA VAL A 37 -7.81 -19.27 14.93
C VAL A 37 -7.78 -18.90 13.47
N ASN A 38 -8.77 -19.35 12.71
CA ASN A 38 -8.88 -19.00 11.30
C ASN A 38 -9.91 -17.87 11.26
N PHE A 39 -9.59 -16.73 10.58
CA PHE A 39 -10.50 -15.58 10.58
C PHE A 39 -11.89 -15.91 10.02
N GLY A 40 -11.94 -16.65 8.92
CA GLY A 40 -13.18 -17.09 8.31
C GLY A 40 -14.02 -17.95 9.24
N THR A 41 -13.35 -18.84 10.03
CA THR A 41 -14.06 -19.68 11.01
C THR A 41 -14.66 -18.81 12.13
N VAL A 42 -13.93 -17.77 12.62
CA VAL A 42 -14.47 -16.90 13.66
C VAL A 42 -15.68 -16.11 13.11
N MET A 43 -15.65 -15.66 11.82
CA MET A 43 -16.81 -14.99 11.24
C MET A 43 -18.00 -15.93 11.20
N PHE A 44 -17.79 -17.19 10.83
CA PHE A 44 -18.85 -18.21 10.78
C PHE A 44 -19.43 -18.45 12.17
N GLU A 45 -18.59 -18.53 13.20
CA GLU A 45 -19.07 -18.71 14.57
C GLU A 45 -19.90 -17.50 15.02
N VAL A 46 -19.47 -16.29 14.69
CA VAL A 46 -20.21 -15.06 15.03
C VAL A 46 -21.57 -15.07 14.30
N ALA A 47 -21.61 -15.46 13.01
CA ALA A 47 -22.86 -15.49 12.23
C ALA A 47 -23.84 -16.56 12.75
N GLN A 48 -23.34 -17.71 13.27
CA GLN A 48 -24.21 -18.73 13.86
C GLN A 48 -24.85 -18.16 15.14
N GLU A 49 -24.03 -17.52 16.00
CA GLU A 49 -24.49 -16.87 17.25
C GLU A 49 -25.56 -15.80 16.96
N GLU A 50 -25.37 -15.00 15.90
CA GLU A 50 -26.35 -13.97 15.51
C GLU A 50 -27.54 -14.56 14.73
N ASN A 51 -27.68 -15.91 14.63
CA ASN A 51 -28.75 -16.58 13.88
C ASN A 51 -28.88 -16.11 12.42
N LEU A 52 -27.75 -15.72 11.80
CA LEU A 52 -27.77 -15.27 10.41
C LEU A 52 -27.58 -16.46 9.46
N VAL A 53 -26.93 -17.55 9.93
CA VAL A 53 -26.67 -18.78 9.17
C VAL A 53 -26.74 -19.99 10.10
N GLU A 54 -26.79 -21.17 9.50
CA GLU A 54 -26.69 -22.46 10.17
C GLU A 54 -25.43 -23.19 9.67
N ASP A 55 -25.11 -23.05 8.35
CA ASP A 55 -24.00 -23.74 7.71
C ASP A 55 -23.03 -22.77 7.06
N ARG A 56 -21.76 -23.19 6.98
CA ARG A 56 -20.67 -22.39 6.43
C ARG A 56 -20.89 -21.96 4.96
N ASP A 57 -21.60 -22.79 4.16
CA ASP A 57 -21.86 -22.46 2.75
C ASP A 57 -22.91 -21.33 2.56
N GLN A 58 -23.60 -20.91 3.64
CA GLN A 58 -24.57 -19.81 3.62
C GLN A 58 -23.89 -18.45 3.88
N MET A 59 -22.58 -18.44 4.27
CA MET A 59 -21.88 -17.18 4.57
C MET A 59 -21.73 -16.29 3.34
N ARG A 60 -21.32 -16.88 2.21
CA ARG A 60 -21.08 -16.16 0.95
C ARG A 60 -22.29 -15.33 0.48
N LYS A 61 -23.50 -15.81 0.72
CA LYS A 61 -24.75 -15.17 0.32
C LYS A 61 -25.06 -13.91 1.17
N LEU A 62 -24.50 -13.79 2.39
CA LEU A 62 -24.79 -12.65 3.28
C LEU A 62 -24.45 -11.31 2.61
N ASP A 63 -25.34 -10.30 2.76
CA ASP A 63 -25.19 -8.99 2.12
C ASP A 63 -23.94 -8.23 2.59
N PRO A 64 -23.39 -7.29 1.78
CA PRO A 64 -22.15 -6.59 2.20
C PRO A 64 -22.20 -5.88 3.56
N ASP A 65 -23.35 -5.29 3.94
CA ASP A 65 -23.47 -4.59 5.23
C ASP A 65 -23.41 -5.59 6.39
N THR A 66 -24.02 -6.77 6.20
CA THR A 66 -24.00 -7.84 7.18
C THR A 66 -22.57 -8.39 7.27
N GLN A 67 -21.90 -8.57 6.11
CA GLN A 67 -20.53 -9.07 5.99
C GLN A 67 -19.60 -8.17 6.84
N LYS A 68 -19.75 -6.85 6.68
CA LYS A 68 -18.94 -5.85 7.39
C LYS A 68 -19.18 -5.90 8.91
N ARG A 69 -20.45 -6.01 9.31
CA ARG A 69 -20.84 -6.09 10.73
C ARG A 69 -20.22 -7.35 11.39
N ILE A 70 -20.30 -8.51 10.72
CA ILE A 70 -19.73 -9.77 11.22
C ILE A 70 -18.20 -9.68 11.30
N GLN A 71 -17.59 -9.07 10.29
CA GLN A 71 -16.13 -8.89 10.21
C GLN A 71 -15.63 -8.07 11.42
N LYS A 72 -16.35 -6.97 11.76
CA LYS A 72 -16.00 -6.15 12.94
C LYS A 72 -16.14 -6.96 14.24
N LEU A 73 -17.25 -7.71 14.38
CA LEU A 73 -17.49 -8.53 15.58
C LEU A 73 -16.44 -9.64 15.71
N ALA A 74 -16.04 -10.24 14.57
CA ALA A 74 -14.99 -11.27 14.54
C ALA A 74 -13.64 -10.65 15.01
N GLY A 75 -13.31 -9.45 14.52
CA GLY A 75 -12.08 -8.76 14.91
C GLY A 75 -12.02 -8.48 16.40
N ARG A 76 -13.16 -8.08 16.97
CA ARG A 76 -13.31 -7.79 18.38
C ARG A 76 -13.24 -9.08 19.23
N LYS A 77 -13.91 -10.15 18.78
CA LYS A 77 -13.87 -11.45 19.47
C LYS A 77 -12.42 -11.97 19.57
N ILE A 78 -11.63 -11.79 18.51
CA ILE A 78 -10.23 -12.22 18.49
C ILE A 78 -9.38 -11.33 19.41
N ALA A 79 -9.57 -10.00 19.36
CA ALA A 79 -8.83 -9.08 20.25
C ALA A 79 -9.03 -9.47 21.72
N GLU A 80 -10.24 -9.93 22.09
CA GLU A 80 -10.54 -10.39 23.44
C GLU A 80 -9.78 -11.68 23.82
N MET A 81 -9.52 -12.58 22.85
CA MET A 81 -8.78 -13.83 23.11
C MET A 81 -7.33 -13.54 23.53
N VAL A 82 -6.77 -12.39 23.10
CA VAL A 82 -5.39 -11.98 23.40
C VAL A 82 -5.17 -11.78 24.91
N LYS A 83 -6.23 -11.51 25.68
CA LYS A 83 -6.10 -11.38 27.13
C LYS A 83 -5.75 -12.75 27.78
N GLU A 84 -6.18 -13.88 27.16
CA GLU A 84 -5.97 -15.24 27.70
C GLU A 84 -4.64 -15.88 27.23
N SER A 85 -4.14 -15.52 26.04
CA SER A 85 -2.87 -16.10 25.56
C SER A 85 -2.39 -15.37 24.32
N PRO A 86 -1.18 -15.62 23.82
CA PRO A 86 -0.82 -15.07 22.52
C PRO A 86 -1.74 -15.72 21.48
N VAL A 87 -2.01 -15.02 20.38
CA VAL A 87 -2.94 -15.50 19.35
C VAL A 87 -2.34 -15.37 17.97
N VAL A 88 -2.56 -16.40 17.12
CA VAL A 88 -2.17 -16.34 15.71
C VAL A 88 -3.50 -16.38 14.95
N VAL A 89 -3.65 -15.50 13.98
CA VAL A 89 -4.82 -15.49 13.12
C VAL A 89 -4.36 -16.02 11.79
N ASP A 90 -4.95 -17.15 11.37
CA ASP A 90 -4.67 -17.71 10.05
C ASP A 90 -5.68 -17.06 9.09
N THR A 91 -5.19 -16.31 8.11
CA THR A 91 -6.09 -15.71 7.10
C THR A 91 -5.28 -15.39 5.85
N HIS A 92 -5.91 -14.77 4.86
CA HIS A 92 -5.24 -14.36 3.63
C HIS A 92 -5.03 -12.87 3.63
N SER A 93 -3.89 -12.40 3.12
CA SER A 93 -3.64 -10.96 3.00
C SER A 93 -4.68 -10.47 1.96
N THR A 94 -4.75 -11.16 0.82
CA THR A 94 -5.82 -11.02 -0.16
C THR A 94 -6.20 -12.38 -0.67
N ILE A 95 -7.47 -12.52 -1.06
CA ILE A 95 -7.99 -13.75 -1.67
C ILE A 95 -8.09 -13.42 -3.14
N LYS A 96 -7.54 -14.27 -4.02
CA LYS A 96 -7.60 -14.03 -5.47
C LYS A 96 -8.95 -14.56 -5.99
N THR A 97 -9.94 -13.66 -6.21
CA THR A 97 -11.28 -14.04 -6.67
C THR A 97 -11.42 -13.67 -8.15
N PRO A 98 -12.48 -14.15 -8.86
CA PRO A 98 -12.64 -13.73 -10.27
C PRO A 98 -12.83 -12.22 -10.45
N LYS A 99 -13.30 -11.50 -9.41
CA LYS A 99 -13.48 -10.04 -9.47
C LYS A 99 -12.24 -9.27 -8.96
N GLY A 100 -11.14 -9.98 -8.68
CA GLY A 100 -9.89 -9.37 -8.22
C GLY A 100 -9.47 -9.80 -6.84
N TYR A 101 -8.38 -9.20 -6.36
CA TYR A 101 -7.80 -9.47 -5.05
C TYR A 101 -8.68 -8.83 -3.96
N LEU A 102 -9.26 -9.64 -3.07
CA LEU A 102 -10.16 -9.17 -2.01
C LEU A 102 -9.32 -9.05 -0.72
N PRO A 103 -9.21 -7.87 -0.10
CA PRO A 103 -8.45 -7.79 1.16
C PRO A 103 -9.07 -8.67 2.26
N GLY A 104 -8.23 -9.45 2.92
CA GLY A 104 -8.67 -10.29 4.02
C GLY A 104 -8.95 -9.49 5.28
N LEU A 105 -8.24 -8.36 5.46
CA LEU A 105 -8.37 -7.51 6.63
C LEU A 105 -8.63 -6.07 6.21
N PRO A 106 -9.89 -5.77 5.82
CA PRO A 106 -10.21 -4.37 5.51
C PRO A 106 -9.98 -3.50 6.76
N VAL A 107 -9.81 -2.19 6.55
CA VAL A 107 -9.49 -1.24 7.63
C VAL A 107 -10.43 -1.38 8.89
N TRP A 108 -11.73 -1.65 8.69
CA TRP A 108 -12.66 -1.83 9.83
C TRP A 108 -12.29 -3.06 10.69
N VAL A 109 -11.72 -4.13 10.09
CA VAL A 109 -11.27 -5.32 10.84
C VAL A 109 -9.98 -4.97 11.58
N LEU A 110 -9.02 -4.30 10.89
CA LEU A 110 -7.74 -3.89 11.49
C LEU A 110 -7.95 -3.04 12.75
N ASN A 111 -8.91 -2.10 12.70
CA ASN A 111 -9.20 -1.22 13.85
C ASN A 111 -9.72 -1.99 15.08
N GLU A 112 -10.33 -3.17 14.89
CA GLU A 112 -10.81 -4.04 15.99
C GLU A 112 -9.72 -5.01 16.43
N LEU A 113 -8.94 -5.57 15.46
CA LEU A 113 -7.92 -6.57 15.75
C LEU A 113 -6.72 -6.02 16.46
N ASN A 114 -6.20 -4.87 15.99
CA ASN A 114 -4.96 -4.28 16.55
C ASN A 114 -3.79 -5.28 16.55
N PRO A 115 -3.47 -5.86 15.38
CA PRO A 115 -2.37 -6.84 15.33
C PRO A 115 -1.00 -6.22 15.62
N ASP A 116 -0.12 -7.01 16.18
CA ASP A 116 1.26 -6.61 16.49
C ASP A 116 2.20 -6.95 15.32
N ILE A 117 1.97 -8.08 14.65
CA ILE A 117 2.83 -8.54 13.55
C ILE A 117 1.96 -9.11 12.45
N ILE A 118 2.31 -8.83 11.18
CA ILE A 118 1.66 -9.43 10.01
C ILE A 118 2.77 -10.27 9.37
N ILE A 119 2.59 -11.56 9.25
CA ILE A 119 3.59 -12.44 8.64
C ILE A 119 3.09 -12.82 7.24
N VAL A 120 3.99 -12.70 6.25
CA VAL A 120 3.70 -13.04 4.86
C VAL A 120 4.58 -14.21 4.53
N VAL A 121 4.01 -15.41 4.35
CA VAL A 121 4.78 -16.61 4.03
C VAL A 121 4.82 -16.74 2.51
N GLU A 122 6.02 -16.92 1.90
CA GLU A 122 6.17 -16.98 0.45
C GLU A 122 7.08 -18.10 0.01
N THR A 123 7.06 -18.35 -1.29
CA THR A 123 8.09 -19.11 -2.02
C THR A 123 8.01 -18.67 -3.47
N SER A 124 8.78 -19.28 -4.38
CA SER A 124 8.74 -18.86 -5.77
C SER A 124 7.42 -19.33 -6.42
N GLY A 125 7.02 -18.64 -7.49
CA GLY A 125 5.85 -19.01 -8.27
C GLY A 125 5.96 -20.44 -8.79
N ASP A 126 7.19 -20.86 -9.20
CA ASP A 126 7.42 -22.23 -9.67
C ASP A 126 7.13 -23.25 -8.57
N GLU A 127 7.66 -23.05 -7.35
CA GLU A 127 7.42 -23.99 -6.27
C GLU A 127 5.94 -24.09 -5.91
N ILE A 128 5.23 -22.96 -5.90
CA ILE A 128 3.79 -22.96 -5.60
C ILE A 128 3.02 -23.69 -6.68
N LEU A 129 3.30 -23.37 -7.94
CA LEU A 129 2.59 -23.99 -9.05
C LEU A 129 2.74 -25.53 -9.02
N ILE A 130 3.97 -26.03 -8.82
CA ILE A 130 4.21 -27.48 -8.78
C ILE A 130 3.53 -28.13 -7.55
N ARG A 131 3.59 -27.46 -6.38
CA ARG A 131 2.91 -27.98 -5.18
C ARG A 131 1.42 -28.16 -5.44
N ARG A 132 0.78 -27.15 -6.08
CA ARG A 132 -0.65 -27.21 -6.41
C ARG A 132 -0.96 -28.33 -7.41
N LEU A 133 -0.10 -28.52 -8.42
CA LEU A 133 -0.30 -29.60 -9.40
C LEU A 133 -0.23 -30.98 -8.75
N ASN A 134 0.62 -31.15 -7.71
CA ASN A 134 0.78 -32.41 -6.97
C ASN A 134 -0.29 -32.64 -5.90
N ASP A 135 -1.11 -31.63 -5.56
CA ASP A 135 -2.16 -31.77 -4.54
C ASP A 135 -3.40 -32.39 -5.18
N GLU A 136 -3.83 -33.58 -4.67
CA GLU A 136 -5.00 -34.30 -5.19
C GLU A 136 -6.35 -33.63 -4.83
N THR A 137 -6.42 -32.91 -3.69
CA THR A 137 -7.63 -32.20 -3.25
C THR A 137 -8.07 -31.14 -4.29
N ARG A 138 -7.08 -30.49 -4.93
CA ARG A 138 -7.31 -29.42 -5.90
C ARG A 138 -7.94 -29.87 -7.21
N ASN A 139 -8.39 -28.86 -7.97
CA ASN A 139 -8.95 -29.01 -9.29
C ASN A 139 -7.87 -28.53 -10.30
N ARG A 140 -8.25 -28.14 -11.52
CA ARG A 140 -7.31 -27.69 -12.55
C ARG A 140 -7.36 -26.14 -12.54
N ASP A 141 -7.79 -25.43 -13.63
CA ASP A 141 -7.83 -23.96 -13.67
C ASP A 141 -6.49 -23.42 -13.18
N LEU A 142 -5.41 -24.00 -13.72
CA LEU A 142 -4.04 -23.68 -13.32
C LEU A 142 -3.66 -22.20 -13.48
N GLU A 143 -3.20 -21.63 -12.39
CA GLU A 143 -2.72 -20.26 -12.36
C GLU A 143 -1.29 -20.37 -12.94
N THR A 144 -0.81 -19.37 -13.68
CA THR A 144 0.56 -19.42 -14.16
C THR A 144 1.48 -18.94 -13.02
N THR A 145 2.81 -19.07 -13.20
CA THR A 145 3.74 -18.53 -12.18
C THR A 145 3.61 -16.99 -12.17
N ALA A 146 3.33 -16.36 -13.33
CA ALA A 146 3.13 -14.90 -13.37
C ALA A 146 1.90 -14.52 -12.53
N GLY A 147 0.82 -15.31 -12.59
CA GLY A 147 -0.37 -15.06 -11.78
C GLY A 147 -0.09 -15.20 -10.30
N ILE A 148 0.70 -16.23 -9.92
CA ILE A 148 1.08 -16.44 -8.51
C ILE A 148 1.97 -15.30 -8.03
N GLU A 149 2.95 -14.89 -8.86
CA GLU A 149 3.86 -13.76 -8.50
C GLU A 149 3.06 -12.47 -8.33
N GLU A 150 2.08 -12.24 -9.21
CA GLU A 150 1.21 -11.08 -9.10
C GLU A 150 0.43 -11.13 -7.77
N HIS A 151 -0.09 -12.30 -7.40
CA HIS A 151 -0.79 -12.43 -6.11
C HIS A 151 0.17 -12.13 -4.94
N GLN A 152 1.40 -12.64 -4.99
CA GLN A 152 2.36 -12.35 -3.91
C GLN A 152 2.74 -10.86 -3.86
N ILE A 153 2.82 -10.18 -5.03
CA ILE A 153 3.08 -8.73 -5.08
C ILE A 153 1.95 -7.99 -4.34
N MET A 154 0.70 -8.32 -4.67
CA MET A 154 -0.47 -7.65 -4.07
C MET A 154 -0.62 -8.00 -2.59
N ASN A 155 -0.28 -9.25 -2.19
CA ASN A 155 -0.34 -9.65 -0.79
C ASN A 155 0.65 -8.83 0.04
N ARG A 156 1.89 -8.61 -0.50
CA ARG A 156 2.91 -7.80 0.19
CA ARG A 156 2.91 -7.78 0.18
C ARG A 156 2.43 -6.36 0.35
N ALA A 157 1.86 -5.77 -0.72
CA ALA A 157 1.38 -4.38 -0.68
C ALA A 157 0.22 -4.25 0.31
N ALA A 158 -0.75 -5.20 0.30
CA ALA A 158 -1.85 -5.14 1.27
C ALA A 158 -1.30 -5.29 2.71
N ALA A 159 -0.36 -6.23 2.91
CA ALA A 159 0.24 -6.45 4.25
C ALA A 159 0.98 -5.19 4.73
N MET A 160 1.72 -4.53 3.82
CA MET A 160 2.39 -3.30 4.19
C MET A 160 1.36 -2.22 4.57
N THR A 161 0.23 -2.14 3.84
CA THR A 161 -0.83 -1.18 4.20
C THR A 161 -1.39 -1.54 5.58
N TYR A 162 -1.55 -2.85 5.89
CA TYR A 162 -2.03 -3.26 7.22
C TYR A 162 -1.08 -2.75 8.31
N GLY A 163 0.23 -2.82 8.06
CA GLY A 163 1.25 -2.32 8.99
C GLY A 163 1.15 -0.82 9.18
N VAL A 164 0.96 -0.06 8.10
CA VAL A 164 0.85 1.40 8.20
C VAL A 164 -0.39 1.81 9.05
N LEU A 165 -1.52 1.12 8.83
CA LEU A 165 -2.77 1.44 9.53
C LEU A 165 -2.82 1.01 11.00
N THR A 166 -2.00 0.04 11.41
CA THR A 166 -2.00 -0.49 12.79
C THR A 166 -0.72 -0.28 13.56
N GLY A 167 0.39 0.02 12.87
CA GLY A 167 1.72 0.10 13.46
C GLY A 167 2.39 -1.26 13.57
N ALA A 168 1.75 -2.33 13.08
CA ALA A 168 2.33 -3.68 13.16
C ALA A 168 3.58 -3.79 12.28
N THR A 169 4.53 -4.65 12.66
CA THR A 169 5.66 -4.95 11.78
C THR A 169 5.16 -5.95 10.74
N VAL A 170 5.77 -5.97 9.54
CA VAL A 170 5.36 -6.87 8.47
C VAL A 170 6.57 -7.75 8.14
N LYS A 171 6.50 -9.04 8.49
CA LYS A 171 7.64 -9.94 8.31
C LYS A 171 7.38 -10.85 7.12
N ILE A 172 8.37 -10.98 6.22
CA ILE A 172 8.24 -11.90 5.08
C ILE A 172 9.13 -13.11 5.39
N ILE A 173 8.60 -14.33 5.31
CA ILE A 173 9.34 -15.55 5.57
C ILE A 173 9.24 -16.43 4.34
N GLN A 174 10.38 -16.93 3.83
CA GLN A 174 10.39 -17.84 2.70
C GLN A 174 10.22 -19.27 3.22
N ASN A 175 9.21 -19.99 2.72
CA ASN A 175 9.00 -21.41 3.07
C ASN A 175 9.30 -22.22 1.81
N LYS A 176 10.59 -22.48 1.56
CA LYS A 176 11.05 -23.16 0.35
C LYS A 176 11.06 -24.67 0.45
N ASN A 177 10.89 -25.36 -0.70
CA ASN A 177 10.95 -26.84 -0.73
C ASN A 177 12.26 -27.32 -0.12
N ASN A 178 12.17 -28.35 0.71
CA ASN A 178 13.28 -29.01 1.40
C ASN A 178 14.00 -28.10 2.41
N LEU A 179 13.44 -26.93 2.77
CA LEU A 179 14.01 -26.00 3.75
C LEU A 179 12.89 -25.57 4.73
N LEU A 180 11.97 -26.49 5.03
CA LEU A 180 10.84 -26.21 5.91
C LEU A 180 11.32 -25.86 7.32
N ASP A 181 12.32 -26.61 7.83
CA ASP A 181 12.86 -26.36 9.19
C ASP A 181 13.44 -24.95 9.35
N TYR A 182 14.02 -24.38 8.28
CA TYR A 182 14.53 -23.00 8.33
C TYR A 182 13.37 -22.00 8.48
N ALA A 183 12.25 -22.22 7.78
CA ALA A 183 11.09 -21.35 7.88
C ALA A 183 10.46 -21.48 9.27
N VAL A 184 10.45 -22.71 9.81
CA VAL A 184 9.90 -22.94 11.16
C VAL A 184 10.72 -22.13 12.18
N GLU A 185 12.06 -22.24 12.13
CA GLU A 185 12.94 -21.54 13.06
C GLU A 185 12.78 -20.04 12.97
N GLU A 186 12.63 -19.51 11.76
CA GLU A 186 12.42 -18.06 11.59
C GLU A 186 11.09 -17.65 12.21
N LEU A 187 10.04 -18.45 12.01
CA LEU A 187 8.73 -18.13 12.58
C LEU A 187 8.73 -18.21 14.12
N ILE A 188 9.42 -19.22 14.70
CA ILE A 188 9.56 -19.34 16.17
C ILE A 188 10.16 -18.04 16.73
N SER A 189 11.24 -17.56 16.11
CA SER A 189 11.92 -16.33 16.58
C SER A 189 10.99 -15.11 16.57
N VAL A 190 10.15 -15.00 15.56
CA VAL A 190 9.22 -13.88 15.44
C VAL A 190 8.05 -14.05 16.43
N LEU A 191 7.50 -15.27 16.57
CA LEU A 191 6.37 -15.51 17.48
C LEU A 191 6.75 -15.40 18.94
N ARG A 192 7.99 -15.73 19.31
CA ARG A 192 8.42 -15.67 20.72
C ARG A 192 8.16 -14.27 21.34
N LYS B 2 -27.60 -4.78 -5.73
CA LYS B 2 -27.18 -3.39 -5.77
C LYS B 2 -26.33 -3.09 -7.01
N ASN B 3 -26.38 -1.84 -7.50
CA ASN B 3 -25.62 -1.43 -8.67
C ASN B 3 -24.15 -1.27 -8.30
N LYS B 4 -23.25 -1.83 -9.13
CA LYS B 4 -21.80 -1.75 -8.89
C LYS B 4 -21.23 -0.38 -9.22
N LEU B 5 -20.25 0.07 -8.42
CA LEU B 5 -19.43 1.25 -8.68
C LEU B 5 -18.02 0.68 -8.90
N VAL B 6 -17.50 0.83 -10.10
CA VAL B 6 -16.20 0.28 -10.49
C VAL B 6 -15.29 1.42 -10.91
N VAL B 7 -14.04 1.40 -10.47
CA VAL B 7 -13.05 2.40 -10.85
C VAL B 7 -12.11 1.69 -11.85
N VAL B 8 -11.89 2.26 -13.03
CA VAL B 8 -10.98 1.69 -14.04
C VAL B 8 -9.80 2.64 -14.16
N THR B 9 -8.58 2.11 -13.96
CA THR B 9 -7.34 2.91 -13.93
C THR B 9 -6.31 2.30 -14.87
N GLY B 10 -5.26 3.05 -15.14
CA GLY B 10 -4.17 2.61 -16.02
C GLY B 10 -3.30 3.77 -16.45
N VAL B 11 -2.01 3.52 -16.70
CA VAL B 11 -1.09 4.60 -17.09
C VAL B 11 -1.51 5.15 -18.47
N PRO B 12 -1.17 6.41 -18.80
CA PRO B 12 -1.44 6.93 -20.16
C PRO B 12 -0.88 6.00 -21.26
N GLY B 13 -1.68 5.74 -22.29
CA GLY B 13 -1.36 4.83 -23.37
C GLY B 13 -1.75 3.37 -23.22
N VAL B 14 -2.21 2.91 -22.03
CA VAL B 14 -2.55 1.50 -21.82
C VAL B 14 -3.90 1.07 -22.48
N GLY B 15 -4.80 2.02 -22.72
CA GLY B 15 -6.09 1.74 -23.36
C GLY B 15 -7.25 1.37 -22.45
N GLY B 16 -7.20 1.67 -21.16
CA GLY B 16 -8.31 1.39 -20.23
C GLY B 16 -9.69 1.91 -20.65
N THR B 17 -9.82 3.21 -21.05
CA THR B 17 -11.14 3.72 -21.46
C THR B 17 -11.63 3.05 -22.76
N THR B 18 -10.70 2.65 -23.66
CA THR B 18 -11.07 1.98 -24.91
C THR B 18 -11.71 0.63 -24.62
N ILE B 19 -11.05 -0.21 -23.77
CA ILE B 19 -11.62 -1.51 -23.45
C ILE B 19 -12.89 -1.37 -22.60
N THR B 20 -12.98 -0.33 -21.74
CA THR B 20 -14.20 -0.07 -20.95
C THR B 20 -15.37 0.28 -21.86
N GLN B 21 -15.17 1.17 -22.85
CA GLN B 21 -16.25 1.53 -23.79
C GLN B 21 -16.73 0.30 -24.55
N LYS B 22 -15.81 -0.57 -25.00
CA LYS B 22 -16.18 -1.79 -25.73
C LYS B 22 -16.94 -2.76 -24.82
N ALA B 23 -16.49 -2.91 -23.55
CA ALA B 23 -17.14 -3.78 -22.57
C ALA B 23 -18.57 -3.31 -22.30
N MET B 24 -18.77 -1.99 -22.14
CA MET B 24 -20.08 -1.39 -21.85
C MET B 24 -21.08 -1.63 -22.98
N GLU B 25 -20.67 -1.50 -24.26
CA GLU B 25 -21.60 -1.73 -25.37
C GLU B 25 -22.01 -3.20 -25.45
N LYS B 26 -21.10 -4.14 -25.14
CA LYS B 26 -21.44 -5.57 -25.12
C LYS B 26 -22.44 -5.86 -23.97
N LEU B 27 -22.22 -5.26 -22.79
CA LEU B 27 -23.10 -5.41 -21.63
C LEU B 27 -24.48 -4.78 -21.84
N SER B 28 -24.58 -3.63 -22.53
CA SER B 28 -25.88 -3.01 -22.80
C SER B 28 -26.76 -3.91 -23.69
N GLU B 29 -26.14 -4.82 -24.48
CA GLU B 29 -26.88 -5.78 -25.31
C GLU B 29 -27.57 -6.86 -24.42
N GLU B 30 -27.14 -7.05 -23.14
CA GLU B 30 -27.80 -7.94 -22.18
C GLU B 30 -28.56 -7.14 -21.09
N GLY B 31 -28.88 -5.88 -21.39
CA GLY B 31 -29.64 -5.01 -20.51
C GLY B 31 -28.93 -4.44 -19.29
N ILE B 32 -27.58 -4.44 -19.30
CA ILE B 32 -26.76 -3.90 -18.20
C ILE B 32 -26.18 -2.59 -18.74
N ASN B 33 -26.67 -1.45 -18.23
CA ASN B 33 -26.32 -0.11 -18.73
C ASN B 33 -25.48 0.71 -17.78
N TYR B 34 -24.17 0.59 -17.90
CA TYR B 34 -23.23 1.35 -17.10
C TYR B 34 -23.18 2.81 -17.57
N LYS B 35 -22.92 3.71 -16.63
CA LYS B 35 -22.69 5.13 -16.91
C LYS B 35 -21.20 5.34 -16.64
N MET B 36 -20.44 5.89 -17.60
N MET B 36 -20.47 5.92 -17.59
CA MET B 36 -19.02 6.17 -17.40
CA MET B 36 -19.07 6.21 -17.42
C MET B 36 -18.81 7.65 -17.15
C MET B 36 -18.90 7.69 -17.09
N VAL B 37 -18.04 7.99 -16.12
CA VAL B 37 -17.70 9.36 -15.76
C VAL B 37 -16.21 9.42 -15.52
N ASN B 38 -15.60 10.55 -15.84
CA ASN B 38 -14.18 10.75 -15.59
C ASN B 38 -14.12 11.53 -14.26
N PHE B 39 -13.30 11.07 -13.28
CA PHE B 39 -13.27 11.74 -11.96
C PHE B 39 -12.89 13.23 -12.05
N GLY B 40 -11.87 13.54 -12.86
CA GLY B 40 -11.43 14.91 -13.08
C GLY B 40 -12.53 15.77 -13.68
N THR B 41 -13.33 15.21 -14.60
CA THR B 41 -14.46 15.96 -15.19
C THR B 41 -15.54 16.21 -14.11
N VAL B 42 -15.83 15.21 -13.26
CA VAL B 42 -16.83 15.37 -12.19
C VAL B 42 -16.31 16.43 -11.20
N MET B 43 -14.99 16.43 -10.88
CA MET B 43 -14.40 17.45 -10.02
C MET B 43 -14.58 18.82 -10.67
N PHE B 44 -14.29 18.93 -11.97
CA PHE B 44 -14.45 20.19 -12.69
C PHE B 44 -15.92 20.67 -12.71
N GLU B 45 -16.89 19.74 -12.91
CA GLU B 45 -18.32 20.05 -12.89
C GLU B 45 -18.74 20.52 -11.50
N VAL B 46 -18.20 19.89 -10.43
CA VAL B 46 -18.48 20.26 -9.04
C VAL B 46 -17.93 21.67 -8.77
N ALA B 47 -16.67 21.92 -9.18
CA ALA B 47 -16.02 23.22 -9.03
C ALA B 47 -16.81 24.30 -9.76
N GLN B 48 -17.39 23.98 -10.95
CA GLN B 48 -18.25 24.91 -11.70
C GLN B 48 -19.59 25.10 -10.96
N GLU B 49 -20.25 23.98 -10.58
CA GLU B 49 -21.53 23.97 -9.83
C GLU B 49 -21.42 24.79 -8.54
N GLU B 50 -20.28 24.71 -7.84
CA GLU B 50 -20.01 25.48 -6.62
C GLU B 50 -19.44 26.90 -6.89
N ASN B 51 -19.21 27.25 -8.18
CA ASN B 51 -18.68 28.54 -8.65
C ASN B 51 -17.33 28.92 -8.01
N LEU B 52 -16.49 27.92 -7.72
CA LEU B 52 -15.14 28.14 -7.19
C LEU B 52 -14.17 28.42 -8.33
N VAL B 53 -14.41 27.84 -9.54
CA VAL B 53 -13.53 28.02 -10.71
C VAL B 53 -14.36 28.38 -11.96
N GLU B 54 -13.66 28.84 -13.02
CA GLU B 54 -14.27 29.21 -14.31
C GLU B 54 -13.43 28.66 -15.48
N ASP B 55 -12.16 29.10 -15.65
CA ASP B 55 -11.26 28.64 -16.72
C ASP B 55 -10.49 27.40 -16.24
N ARG B 56 -11.10 26.20 -16.39
CA ARG B 56 -10.59 24.89 -15.92
C ARG B 56 -9.05 24.72 -15.86
N ASP B 57 -8.29 25.23 -16.85
CA ASP B 57 -6.83 25.03 -16.89
C ASP B 57 -6.12 25.39 -15.57
N GLN B 58 -6.57 26.41 -14.84
CA GLN B 58 -5.94 26.80 -13.56
C GLN B 58 -6.34 25.92 -12.36
N MET B 59 -7.14 24.83 -12.56
CA MET B 59 -7.55 23.91 -11.48
C MET B 59 -6.35 23.39 -10.68
N ARG B 60 -5.27 23.00 -11.39
CA ARG B 60 -4.02 22.52 -10.74
C ARG B 60 -3.39 23.56 -9.80
N LYS B 61 -3.61 24.87 -10.04
CA LYS B 61 -3.11 25.97 -9.21
C LYS B 61 -4.26 26.54 -8.36
N LEU B 62 -4.91 25.66 -7.57
CA LEU B 62 -6.02 26.02 -6.68
C LEU B 62 -5.62 25.66 -5.25
N ASP B 63 -6.18 26.39 -4.26
CA ASP B 63 -5.90 26.19 -2.83
C ASP B 63 -6.15 24.70 -2.41
N PRO B 64 -5.15 24.01 -1.77
CA PRO B 64 -5.36 22.60 -1.39
C PRO B 64 -6.62 22.27 -0.58
N ASP B 65 -7.07 23.19 0.28
CA ASP B 65 -8.28 22.95 1.09
C ASP B 65 -9.54 22.91 0.23
N THR B 66 -9.65 23.79 -0.79
CA THR B 66 -10.83 23.76 -1.67
C THR B 66 -10.75 22.53 -2.59
N GLN B 67 -9.54 22.14 -3.02
CA GLN B 67 -9.32 20.95 -3.85
C GLN B 67 -9.83 19.71 -3.11
N LYS B 68 -9.46 19.57 -1.83
CA LYS B 68 -9.92 18.48 -0.97
C LYS B 68 -11.45 18.53 -0.84
N ARG B 69 -12.04 19.72 -0.68
CA ARG B 69 -13.50 19.84 -0.56
C ARG B 69 -14.18 19.43 -1.86
N ILE B 70 -13.67 19.91 -3.01
CA ILE B 70 -14.19 19.55 -4.34
C ILE B 70 -14.11 18.04 -4.55
N GLN B 71 -12.97 17.44 -4.17
CA GLN B 71 -12.73 15.99 -4.28
C GLN B 71 -13.78 15.19 -3.49
N LYS B 72 -14.08 15.62 -2.26
CA LYS B 72 -15.13 15.00 -1.42
C LYS B 72 -16.52 15.15 -2.08
N LEU B 73 -16.84 16.35 -2.58
CA LEU B 73 -18.13 16.60 -3.25
C LEU B 73 -18.27 15.78 -4.53
N ALA B 74 -17.17 15.57 -5.29
CA ALA B 74 -17.18 14.77 -6.51
C ALA B 74 -17.43 13.29 -6.19
N GLY B 75 -16.81 12.79 -5.11
CA GLY B 75 -17.00 11.42 -4.67
C GLY B 75 -18.44 11.17 -4.27
N ARG B 76 -19.02 12.13 -3.57
CA ARG B 76 -20.41 12.06 -3.13
C ARG B 76 -21.36 12.13 -4.33
N LYS B 77 -21.10 13.04 -5.29
CA LYS B 77 -21.93 13.16 -6.50
C LYS B 77 -21.94 11.84 -7.28
N ILE B 78 -20.79 11.16 -7.37
CA ILE B 78 -20.69 9.87 -8.07
C ILE B 78 -21.42 8.78 -7.28
N ALA B 79 -21.23 8.71 -5.95
CA ALA B 79 -21.92 7.72 -5.12
C ALA B 79 -23.45 7.81 -5.33
N GLU B 80 -23.99 9.03 -5.49
CA GLU B 80 -25.41 9.24 -5.76
C GLU B 80 -25.85 8.70 -7.14
N MET B 81 -24.96 8.73 -8.17
CA MET B 81 -25.28 8.21 -9.51
C MET B 81 -25.53 6.71 -9.47
N VAL B 82 -24.92 5.99 -8.50
CA VAL B 82 -25.03 4.53 -8.34
C VAL B 82 -26.47 4.08 -8.06
N LYS B 83 -27.30 4.97 -7.52
CA LYS B 83 -28.72 4.66 -7.29
C LYS B 83 -29.48 4.51 -8.62
N GLU B 84 -29.04 5.21 -9.69
CA GLU B 84 -29.70 5.20 -11.01
C GLU B 84 -29.19 4.08 -11.92
N SER B 85 -27.92 3.66 -11.81
CA SER B 85 -27.38 2.61 -12.68
C SER B 85 -26.02 2.15 -12.19
N PRO B 86 -25.44 1.05 -12.70
CA PRO B 86 -24.05 0.75 -12.36
C PRO B 86 -23.17 1.88 -12.92
N VAL B 87 -22.04 2.18 -12.28
CA VAL B 87 -21.18 3.28 -12.70
C VAL B 87 -19.75 2.84 -12.87
N VAL B 88 -19.07 3.36 -13.92
CA VAL B 88 -17.63 3.19 -14.09
C VAL B 88 -17.02 4.56 -13.87
N VAL B 89 -16.01 4.66 -13.01
CA VAL B 89 -15.26 5.89 -12.81
C VAL B 89 -13.93 5.74 -13.55
N ASP B 90 -13.69 6.56 -14.59
CA ASP B 90 -12.41 6.56 -15.31
C ASP B 90 -11.48 7.54 -14.56
N THR B 91 -10.38 7.05 -13.99
CA THR B 91 -9.40 7.92 -13.31
C THR B 91 -8.05 7.25 -13.27
N HIS B 92 -7.07 7.88 -12.62
CA HIS B 92 -5.73 7.32 -12.49
C HIS B 92 -5.55 6.83 -11.07
N SER B 93 -4.88 5.69 -10.89
CA SER B 93 -4.59 5.18 -9.54
C SER B 93 -3.61 6.23 -8.93
N THR B 94 -2.58 6.59 -9.69
CA THR B 94 -1.72 7.73 -9.37
C THR B 94 -1.40 8.45 -10.70
N ILE B 95 -1.18 9.75 -10.63
CA ILE B 95 -0.78 10.56 -11.77
C ILE B 95 0.72 10.79 -11.56
N LYS B 96 1.55 10.52 -12.57
CA LYS B 96 3.00 10.73 -12.47
C LYS B 96 3.30 12.22 -12.74
N THR B 97 3.50 13.03 -11.69
CA THR B 97 3.77 14.47 -11.82
C THR B 97 5.26 14.73 -11.58
N PRO B 98 5.79 15.95 -11.89
CA PRO B 98 7.21 16.23 -11.57
C PRO B 98 7.54 16.12 -10.07
N LYS B 99 6.54 16.30 -9.18
CA LYS B 99 6.73 16.21 -7.72
C LYS B 99 6.47 14.79 -7.20
N GLY B 100 6.23 13.81 -8.07
CA GLY B 100 5.99 12.42 -7.69
C GLY B 100 4.62 11.90 -8.09
N TYR B 101 4.34 10.67 -7.67
CA TYR B 101 3.07 9.98 -7.94
C TYR B 101 1.97 10.58 -7.04
N LEU B 102 0.95 11.20 -7.64
CA LEU B 102 -0.15 11.84 -6.90
C LEU B 102 -1.31 10.85 -6.83
N PRO B 103 -1.78 10.42 -5.65
CA PRO B 103 -2.93 9.50 -5.62
C PRO B 103 -4.17 10.10 -6.25
N GLY B 104 -4.82 9.35 -7.12
CA GLY B 104 -6.05 9.82 -7.77
C GLY B 104 -7.23 9.76 -6.81
N LEU B 105 -7.20 8.83 -5.83
CA LEU B 105 -8.29 8.66 -4.86
C LEU B 105 -7.73 8.67 -3.44
N PRO B 106 -7.44 9.86 -2.91
CA PRO B 106 -7.01 9.92 -1.50
C PRO B 106 -8.14 9.40 -0.59
N VAL B 107 -7.77 8.99 0.64
CA VAL B 107 -8.71 8.37 1.57
C VAL B 107 -10.05 9.15 1.74
N TRP B 108 -10.03 10.49 1.74
CA TRP B 108 -11.26 11.28 1.85
C TRP B 108 -12.20 11.07 0.65
N VAL B 109 -11.65 10.79 -0.56
CA VAL B 109 -12.47 10.50 -1.75
C VAL B 109 -13.07 9.10 -1.59
N LEU B 110 -12.21 8.11 -1.25
CA LEU B 110 -12.63 6.71 -1.06
C LEU B 110 -13.80 6.60 -0.08
N ASN B 111 -13.75 7.35 1.03
CA ASN B 111 -14.82 7.32 2.04
C ASN B 111 -16.18 7.81 1.49
N GLU B 112 -16.17 8.68 0.46
CA GLU B 112 -17.40 9.19 -0.16
C GLU B 112 -17.83 8.28 -1.31
N LEU B 113 -16.87 7.76 -2.10
CA LEU B 113 -17.15 6.91 -3.26
C LEU B 113 -17.67 5.55 -2.90
N ASN B 114 -17.01 4.85 -1.95
CA ASN B 114 -17.38 3.47 -1.59
C ASN B 114 -17.37 2.54 -2.83
N PRO B 115 -16.24 2.47 -3.54
CA PRO B 115 -16.18 1.60 -4.73
C PRO B 115 -16.27 0.11 -4.38
N ASP B 116 -16.82 -0.68 -5.30
CA ASP B 116 -16.93 -2.12 -5.17
C ASP B 116 -15.71 -2.83 -5.78
N ILE B 117 -15.20 -2.31 -6.91
CA ILE B 117 -14.06 -2.91 -7.62
C ILE B 117 -13.14 -1.82 -8.11
N ILE B 118 -11.81 -2.06 -8.01
CA ILE B 118 -10.79 -1.18 -8.56
C ILE B 118 -10.12 -2.02 -9.65
N ILE B 119 -10.17 -1.57 -10.91
CA ILE B 119 -9.55 -2.28 -12.01
C ILE B 119 -8.27 -1.55 -12.38
N VAL B 120 -7.18 -2.31 -12.56
CA VAL B 120 -5.88 -1.79 -12.94
C VAL B 120 -5.56 -2.39 -14.30
N VAL B 121 -5.59 -1.56 -15.35
CA VAL B 121 -5.32 -2.05 -16.71
C VAL B 121 -3.83 -1.86 -16.98
N GLU B 122 -3.13 -2.92 -17.44
CA GLU B 122 -1.68 -2.87 -17.66
C GLU B 122 -1.27 -3.49 -18.97
N THR B 123 -0.01 -3.26 -19.33
CA THR B 123 0.73 -4.01 -20.34
C THR B 123 2.20 -3.84 -20.00
N SER B 124 3.12 -4.37 -20.83
CA SER B 124 4.54 -4.22 -20.52
C SER B 124 4.99 -2.76 -20.75
N GLY B 125 6.08 -2.37 -20.08
CA GLY B 125 6.70 -1.06 -20.28
C GLY B 125 7.06 -0.83 -21.73
N ASP B 126 7.56 -1.90 -22.42
CA ASP B 126 7.90 -1.80 -23.86
C ASP B 126 6.68 -1.45 -24.70
N GLU B 127 5.57 -2.17 -24.51
CA GLU B 127 4.36 -1.88 -25.30
C GLU B 127 3.84 -0.47 -25.06
N ILE B 128 3.86 0.01 -23.80
CA ILE B 128 3.42 1.37 -23.49
C ILE B 128 4.33 2.39 -24.14
N LEU B 129 5.64 2.21 -23.99
CA LEU B 129 6.60 3.16 -24.54
C LEU B 129 6.43 3.31 -26.06
N ILE B 130 6.32 2.18 -26.80
CA ILE B 130 6.15 2.23 -28.25
C ILE B 130 4.79 2.86 -28.64
N ARG B 131 3.71 2.54 -27.91
CA ARG B 131 2.39 3.13 -28.17
C ARG B 131 2.48 4.67 -28.06
N ARG B 132 3.15 5.16 -27.01
CA ARG B 132 3.32 6.61 -26.79
C ARG B 132 4.17 7.26 -27.90
N LEU B 133 5.24 6.58 -28.35
CA LEU B 133 6.07 7.10 -29.43
C LEU B 133 5.28 7.23 -30.74
N ASN B 134 4.33 6.31 -30.99
CA ASN B 134 3.49 6.31 -32.20
C ASN B 134 2.30 7.28 -32.12
N ASP B 135 1.97 7.83 -30.94
CA ASP B 135 0.85 8.75 -30.78
C ASP B 135 1.28 10.17 -31.17
N GLU B 136 0.63 10.76 -32.19
CA GLU B 136 0.95 12.12 -32.65
C GLU B 136 0.49 13.24 -31.71
N THR B 137 -0.59 13.01 -30.92
CA THR B 137 -1.11 13.98 -29.94
C THR B 137 -0.05 14.35 -28.88
N ARG B 138 0.84 13.42 -28.55
CA ARG B 138 1.87 13.59 -27.53
C ARG B 138 3.06 14.50 -27.83
N ASN B 139 3.75 14.88 -26.74
CA ASN B 139 4.98 15.64 -26.70
C ASN B 139 6.02 14.61 -26.22
N ARG B 140 7.04 14.30 -27.02
CA ARG B 140 8.01 13.26 -26.65
C ARG B 140 8.94 13.67 -25.52
N ASP B 141 8.69 13.11 -24.33
CA ASP B 141 9.54 13.29 -23.15
C ASP B 141 10.54 12.11 -23.16
N LEU B 142 11.39 11.99 -22.12
CA LEU B 142 12.39 10.92 -22.04
C LEU B 142 12.01 9.86 -20.97
N GLU B 143 10.72 9.40 -20.97
CA GLU B 143 10.25 8.36 -20.05
C GLU B 143 10.71 7.00 -20.62
N THR B 144 11.32 6.20 -19.77
CA THR B 144 11.89 4.91 -20.10
C THR B 144 10.93 3.79 -19.73
N THR B 145 11.24 2.53 -20.13
CA THR B 145 10.39 1.39 -19.70
C THR B 145 10.53 1.22 -18.19
N ALA B 146 11.72 1.52 -17.61
CA ALA B 146 11.90 1.45 -16.16
C ALA B 146 10.96 2.47 -15.47
N GLY B 147 10.83 3.68 -16.02
CA GLY B 147 9.92 4.69 -15.48
C GLY B 147 8.47 4.25 -15.55
N ILE B 148 8.07 3.63 -16.67
CA ILE B 148 6.70 3.12 -16.84
C ILE B 148 6.45 1.97 -15.86
N GLU B 149 7.40 1.04 -15.73
CA GLU B 149 7.26 -0.09 -14.79
C GLU B 149 7.17 0.42 -13.35
N GLU B 150 7.96 1.44 -13.01
CA GLU B 150 7.89 2.06 -11.68
C GLU B 150 6.48 2.64 -11.46
N HIS B 151 5.91 3.32 -12.48
CA HIS B 151 4.56 3.87 -12.35
C HIS B 151 3.53 2.73 -12.15
N GLN B 152 3.69 1.63 -12.89
CA GLN B 152 2.74 0.51 -12.73
C GLN B 152 2.90 -0.16 -11.34
N ILE B 153 4.14 -0.22 -10.81
CA ILE B 153 4.38 -0.74 -9.45
C ILE B 153 3.61 0.13 -8.43
N MET B 154 3.76 1.45 -8.52
CA MET B 154 3.11 2.37 -7.57
C MET B 154 1.59 2.39 -7.75
N ASN B 155 1.11 2.28 -9.01
CA ASN B 155 -0.33 2.22 -9.26
C ASN B 155 -0.95 0.98 -8.59
N ARG B 156 -0.27 -0.18 -8.68
CA ARG B 156 -0.76 -1.43 -8.05
CA ARG B 156 -0.75 -1.43 -8.04
C ARG B 156 -0.81 -1.28 -6.53
N ALA B 157 0.26 -0.70 -5.93
CA ALA B 157 0.32 -0.51 -4.48
C ALA B 157 -0.77 0.45 -4.03
N ALA B 158 -0.97 1.59 -4.75
CA ALA B 158 -2.04 2.53 -4.38
C ALA B 158 -3.41 1.85 -4.52
N ALA B 159 -3.63 1.09 -5.62
CA ALA B 159 -4.91 0.38 -5.84
C ALA B 159 -5.16 -0.64 -4.73
N MET B 160 -4.12 -1.37 -4.32
CA MET B 160 -4.28 -2.33 -3.22
C MET B 160 -4.65 -1.59 -1.94
N THR B 161 -4.04 -0.42 -1.67
CA THR B 161 -4.39 0.37 -0.50
C THR B 161 -5.86 0.82 -0.60
N TYR B 162 -6.32 1.20 -1.81
CA TYR B 162 -7.73 1.58 -2.01
C TYR B 162 -8.66 0.42 -1.61
N GLY B 163 -8.28 -0.81 -1.99
CA GLY B 163 -9.04 -2.01 -1.64
C GLY B 163 -9.07 -2.23 -0.13
N VAL B 164 -7.94 -2.08 0.56
CA VAL B 164 -7.90 -2.26 2.03
C VAL B 164 -8.81 -1.25 2.74
N LEU B 165 -8.80 0.01 2.29
CA LEU B 165 -9.58 1.08 2.93
C LEU B 165 -11.08 1.04 2.64
N THR B 166 -11.51 0.37 1.55
CA THR B 166 -12.93 0.31 1.17
C THR B 166 -13.54 -1.09 1.17
N GLY B 167 -12.70 -2.13 1.16
CA GLY B 167 -13.14 -3.51 1.02
C GLY B 167 -13.32 -3.92 -0.43
N ALA B 168 -13.04 -3.01 -1.40
CA ALA B 168 -13.20 -3.31 -2.81
C ALA B 168 -12.20 -4.40 -3.25
N THR B 169 -12.57 -5.20 -4.26
CA THR B 169 -11.61 -6.14 -4.85
C THR B 169 -10.76 -5.33 -5.82
N VAL B 170 -9.50 -5.76 -6.07
CA VAL B 170 -8.59 -5.07 -6.95
C VAL B 170 -8.23 -6.03 -8.08
N LYS B 171 -8.72 -5.76 -9.29
CA LYS B 171 -8.52 -6.66 -10.43
C LYS B 171 -7.47 -6.09 -11.37
N ILE B 172 -6.49 -6.90 -11.78
CA ILE B 172 -5.48 -6.45 -12.74
C ILE B 172 -5.82 -7.13 -14.08
N ILE B 173 -5.92 -6.36 -15.16
CA ILE B 173 -6.24 -6.89 -16.50
C ILE B 173 -5.14 -6.46 -17.44
N GLN B 174 -4.57 -7.41 -18.19
CA GLN B 174 -3.54 -7.09 -19.18
C GLN B 174 -4.24 -6.72 -20.49
N ASN B 175 -3.93 -5.54 -21.04
CA ASN B 175 -4.45 -5.10 -22.34
C ASN B 175 -3.24 -5.08 -23.30
N LYS B 176 -2.90 -6.26 -23.84
CA LYS B 176 -1.72 -6.41 -24.68
C LYS B 176 -1.97 -6.14 -26.16
N ASN B 177 -0.92 -5.70 -26.90
CA ASN B 177 -1.04 -5.46 -28.33
C ASN B 177 -1.57 -6.70 -29.02
N ASN B 178 -2.52 -6.51 -29.95
CA ASN B 178 -3.17 -7.55 -30.76
C ASN B 178 -3.99 -8.57 -29.95
N LEU B 179 -4.27 -8.29 -28.66
CA LEU B 179 -5.08 -9.16 -27.78
C LEU B 179 -6.12 -8.28 -27.06
N LEU B 180 -6.62 -7.24 -27.74
CA LEU B 180 -7.59 -6.31 -27.16
C LEU B 180 -8.88 -7.03 -26.80
N ASP B 181 -9.37 -7.92 -27.68
CA ASP B 181 -10.62 -8.64 -27.44
C ASP B 181 -10.56 -9.51 -26.17
N TYR B 182 -9.39 -10.04 -25.81
CA TYR B 182 -9.23 -10.84 -24.59
C TYR B 182 -9.38 -9.93 -23.35
N ALA B 183 -8.83 -8.71 -23.40
CA ALA B 183 -8.97 -7.75 -22.30
C ALA B 183 -10.42 -7.29 -22.16
N VAL B 184 -11.10 -7.08 -23.29
CA VAL B 184 -12.52 -6.67 -23.29
C VAL B 184 -13.38 -7.78 -22.63
N GLU B 185 -13.15 -9.07 -23.00
CA GLU B 185 -13.91 -10.19 -22.43
C GLU B 185 -13.67 -10.32 -20.93
N GLU B 186 -12.44 -10.13 -20.49
CA GLU B 186 -12.12 -10.17 -19.06
C GLU B 186 -12.82 -9.04 -18.30
N LEU B 187 -12.85 -7.84 -18.90
CA LEU B 187 -13.52 -6.70 -18.26
C LEU B 187 -15.04 -6.88 -18.20
N ILE B 188 -15.65 -7.44 -19.28
CA ILE B 188 -17.10 -7.73 -19.29
C ILE B 188 -17.44 -8.65 -18.10
N SER B 189 -16.66 -9.73 -17.92
CA SER B 189 -16.90 -10.70 -16.84
C SER B 189 -16.86 -10.05 -15.45
N VAL B 190 -15.95 -9.08 -15.25
CA VAL B 190 -15.82 -8.38 -13.98
C VAL B 190 -16.96 -7.37 -13.79
N LEU B 191 -17.30 -6.60 -14.84
CA LEU B 191 -18.37 -5.59 -14.76
C LEU B 191 -19.77 -6.21 -14.64
N ARG B 192 -20.01 -7.43 -15.17
CA ARG B 192 -21.34 -8.04 -15.11
C ARG B 192 -21.84 -8.20 -13.65
N LYS C 2 1.57 27.51 3.05
CA LYS C 2 2.25 27.59 1.76
C LYS C 2 3.69 27.04 1.80
N ASN C 3 4.35 26.96 3.00
CA ASN C 3 5.68 26.34 3.10
C ASN C 3 5.50 24.82 3.00
N LYS C 4 6.35 24.14 2.23
CA LYS C 4 6.21 22.69 2.09
C LYS C 4 6.83 21.91 3.24
N LEU C 5 6.22 20.75 3.52
CA LEU C 5 6.72 19.77 4.46
C LEU C 5 7.03 18.54 3.61
N VAL C 6 8.32 18.20 3.53
CA VAL C 6 8.80 17.08 2.72
C VAL C 6 9.41 16.00 3.62
N VAL C 7 9.08 14.72 3.37
CA VAL C 7 9.68 13.61 4.11
C VAL C 7 10.68 12.96 3.13
N VAL C 8 11.95 12.80 3.54
CA VAL C 8 12.95 12.15 2.68
C VAL C 8 13.31 10.82 3.36
N THR C 9 13.16 9.72 2.62
CA THR C 9 13.37 8.36 3.14
C THR C 9 14.33 7.60 2.25
N GLY C 10 14.79 6.46 2.76
CA GLY C 10 15.73 5.62 2.02
C GLY C 10 16.35 4.57 2.94
N VAL C 11 16.70 3.41 2.40
CA VAL C 11 17.32 2.36 3.25
C VAL C 11 18.69 2.87 3.75
N PRO C 12 19.20 2.35 4.89
CA PRO C 12 20.56 2.73 5.32
C PRO C 12 21.60 2.52 4.20
N GLY C 13 22.48 3.51 4.03
CA GLY C 13 23.51 3.52 2.99
C GLY C 13 23.14 4.15 1.65
N VAL C 14 21.87 4.51 1.43
CA VAL C 14 21.46 5.06 0.11
C VAL C 14 21.88 6.53 -0.10
N GLY C 15 22.14 7.26 0.99
CA GLY C 15 22.62 8.65 0.91
C GLY C 15 21.55 9.72 0.88
N GLY C 16 20.36 9.43 1.44
CA GLY C 16 19.24 10.37 1.45
C GLY C 16 19.54 11.70 2.12
N THR C 17 20.15 11.69 3.31
CA THR C 17 20.50 12.94 4.00
C THR C 17 21.62 13.70 3.31
N THR C 18 22.55 13.00 2.65
CA THR C 18 23.66 13.65 1.95
C THR C 18 23.13 14.48 0.80
N ILE C 19 22.27 13.89 -0.05
CA ILE C 19 21.73 14.66 -1.18
C ILE C 19 20.77 15.76 -0.71
N THR C 20 20.04 15.53 0.41
CA THR C 20 19.16 16.57 0.97
C THR C 20 19.98 17.77 1.48
N GLN C 21 21.06 17.52 2.23
CA GLN C 21 21.97 18.58 2.71
C GLN C 21 22.51 19.40 1.53
N LYS C 22 22.95 18.75 0.46
CA LYS C 22 23.46 19.45 -0.72
C LYS C 22 22.38 20.27 -1.43
N ALA C 23 21.16 19.70 -1.58
CA ALA C 23 20.05 20.41 -2.20
C ALA C 23 19.69 21.66 -1.36
N MET C 24 19.62 21.52 -0.04
CA MET C 24 19.28 22.65 0.85
C MET C 24 20.27 23.78 0.74
N GLU C 25 21.57 23.46 0.67
CA GLU C 25 22.59 24.49 0.55
C GLU C 25 22.47 25.23 -0.79
N LYS C 26 22.19 24.52 -1.89
CA LYS C 26 21.99 25.20 -3.17
C LYS C 26 20.71 26.06 -3.12
N LEU C 27 19.63 25.57 -2.50
CA LEU C 27 18.38 26.34 -2.38
C LEU C 27 18.52 27.58 -1.54
N SER C 28 19.37 27.50 -0.50
CA SER C 28 19.68 28.62 0.36
C SER C 28 20.24 29.79 -0.48
N GLU C 29 21.00 29.50 -1.57
CA GLU C 29 21.54 30.55 -2.45
C GLU C 29 20.43 31.33 -3.19
N GLU C 30 19.24 30.72 -3.38
CA GLU C 30 18.07 31.34 -4.02
C GLU C 30 17.07 31.92 -3.00
N GLY C 31 17.45 32.06 -1.74
CA GLY C 31 16.52 32.55 -0.73
C GLY C 31 15.47 31.56 -0.25
N ILE C 32 15.65 30.24 -0.51
CA ILE C 32 14.69 29.22 -0.05
C ILE C 32 15.45 28.50 1.07
N ASN C 33 15.00 28.67 2.31
CA ASN C 33 15.71 28.17 3.49
C ASN C 33 14.98 27.03 4.20
N TYR C 34 15.27 25.82 3.78
CA TYR C 34 14.72 24.64 4.43
C TYR C 34 15.36 24.41 5.79
N LYS C 35 14.59 23.84 6.72
CA LYS C 35 15.08 23.38 8.01
C LYS C 35 14.98 21.85 7.93
N MET C 36 16.08 21.14 8.22
CA MET C 36 16.06 19.69 8.20
C MET C 36 16.02 19.17 9.62
N VAL C 37 15.17 18.17 9.88
CA VAL C 37 15.06 17.52 11.19
C VAL C 37 14.98 16.03 10.98
N ASN C 38 15.49 15.27 11.94
CA ASN C 38 15.40 13.81 11.89
C ASN C 38 14.22 13.45 12.78
N PHE C 39 13.27 12.61 12.31
CA PHE C 39 12.07 12.28 13.10
C PHE C 39 12.40 11.67 14.47
N GLY C 40 13.33 10.74 14.49
CA GLY C 40 13.79 10.11 15.74
C GLY C 40 14.40 11.13 16.70
N THR C 41 15.16 12.12 16.20
CA THR C 41 15.73 13.17 17.06
C THR C 41 14.61 14.05 17.62
N VAL C 42 13.59 14.38 16.80
CA VAL C 42 12.46 15.19 17.29
C VAL C 42 11.71 14.38 18.36
N MET C 43 11.59 13.05 18.20
CA MET C 43 10.96 12.20 19.24
C MET C 43 11.79 12.27 20.52
N PHE C 44 13.13 12.21 20.39
CA PHE C 44 14.03 12.31 21.55
C PHE C 44 13.91 13.68 22.23
N GLU C 45 13.79 14.77 21.45
CA GLU C 45 13.63 16.12 22.00
C GLU C 45 12.30 16.24 22.76
N VAL C 46 11.22 15.61 22.24
CA VAL C 46 9.90 15.61 22.91
C VAL C 46 10.00 14.80 24.21
N ALA C 47 10.61 13.60 24.18
CA ALA C 47 10.75 12.76 25.38
C ALA C 47 11.60 13.44 26.48
N GLN C 48 12.70 14.13 26.11
CA GLN C 48 13.54 14.88 27.06
C GLN C 48 12.71 15.99 27.71
N GLU C 49 12.03 16.79 26.88
CA GLU C 49 11.15 17.89 27.31
C GLU C 49 10.04 17.42 28.30
N GLU C 50 9.58 16.15 28.18
CA GLU C 50 8.57 15.53 29.05
C GLU C 50 9.19 14.75 30.24
N ASN C 51 10.53 14.85 30.44
CA ASN C 51 11.30 14.18 31.50
C ASN C 51 11.14 12.65 31.52
N LEU C 52 10.93 12.03 30.33
CA LEU C 52 10.78 10.59 30.20
C LEU C 52 12.13 9.94 29.97
N VAL C 53 13.11 10.68 29.44
CA VAL C 53 14.43 10.15 29.15
C VAL C 53 15.51 11.18 29.41
N GLU C 54 16.73 10.68 29.60
CA GLU C 54 17.93 11.49 29.79
C GLU C 54 18.82 11.33 28.54
N ASP C 55 18.95 10.09 28.02
CA ASP C 55 19.78 9.78 26.84
C ASP C 55 18.96 9.11 25.73
N ARG C 56 19.44 9.23 24.48
CA ARG C 56 18.77 8.68 23.29
C ARG C 56 18.63 7.15 23.29
N ASP C 57 19.52 6.45 23.99
CA ASP C 57 19.50 4.98 24.09
C ASP C 57 18.27 4.52 24.88
N GLN C 58 17.77 5.34 25.84
CA GLN C 58 16.58 5.01 26.63
C GLN C 58 15.28 5.01 25.82
N MET C 59 15.25 5.64 24.62
CA MET C 59 14.04 5.73 23.78
C MET C 59 13.51 4.37 23.37
N ARG C 60 14.39 3.42 22.99
CA ARG C 60 13.96 2.08 22.57
C ARG C 60 13.38 1.21 23.72
N LYS C 61 13.50 1.63 25.00
CA LYS C 61 12.96 0.89 26.16
C LYS C 61 11.59 1.48 26.61
N LEU C 62 11.10 2.58 26.00
CA LEU C 62 9.81 3.17 26.36
C LEU C 62 8.68 2.24 25.89
N ASP C 63 7.58 2.18 26.67
CA ASP C 63 6.46 1.29 26.34
C ASP C 63 5.72 1.72 25.06
N PRO C 64 4.92 0.82 24.43
CA PRO C 64 4.24 1.18 23.17
C PRO C 64 3.25 2.35 23.20
N ASP C 65 2.49 2.53 24.30
CA ASP C 65 1.51 3.62 24.39
C ASP C 65 2.24 4.97 24.47
N THR C 66 3.37 5.03 25.20
CA THR C 66 4.19 6.23 25.32
C THR C 66 4.87 6.51 23.97
N GLN C 67 5.31 5.46 23.27
CA GLN C 67 5.94 5.58 21.97
C GLN C 67 4.94 6.22 20.99
N LYS C 68 3.68 5.71 20.94
CA LYS C 68 2.62 6.25 20.08
C LYS C 68 2.33 7.72 20.45
N ARG C 69 2.35 8.04 21.74
CA ARG C 69 2.11 9.41 22.21
C ARG C 69 3.28 10.35 21.79
N ILE C 70 4.53 9.90 21.96
CA ILE C 70 5.70 10.70 21.58
C ILE C 70 5.70 10.88 20.07
N GLN C 71 5.27 9.84 19.32
CA GLN C 71 5.20 9.89 17.86
C GLN C 71 4.20 10.96 17.40
N LYS C 72 3.01 11.00 18.01
CA LYS C 72 1.99 12.02 17.70
C LYS C 72 2.52 13.43 18.04
N LEU C 73 3.14 13.60 19.22
CA LEU C 73 3.70 14.88 19.66
C LEU C 73 4.82 15.36 18.71
N ALA C 74 5.70 14.45 18.24
CA ALA C 74 6.77 14.84 17.31
C ALA C 74 6.19 15.32 15.97
N GLY C 75 5.20 14.60 15.45
CA GLY C 75 4.53 14.96 14.20
C GLY C 75 3.90 16.34 14.30
N ARG C 76 3.27 16.64 15.46
CA ARG C 76 2.67 17.95 15.72
C ARG C 76 3.75 19.03 15.86
N LYS C 77 4.84 18.75 16.58
CA LYS C 77 5.95 19.69 16.74
C LYS C 77 6.54 20.06 15.37
N ILE C 78 6.67 19.09 14.47
CA ILE C 78 7.19 19.32 13.12
C ILE C 78 6.19 20.12 12.29
N ALA C 79 4.89 19.77 12.33
CA ALA C 79 3.86 20.52 11.61
C ALA C 79 3.90 22.01 11.98
N GLU C 80 4.18 22.32 13.26
CA GLU C 80 4.31 23.71 13.72
C GLU C 80 5.55 24.42 13.15
N MET C 81 6.66 23.69 12.89
CA MET C 81 7.87 24.30 12.29
C MET C 81 7.60 24.82 10.89
N VAL C 82 6.61 24.23 10.17
CA VAL C 82 6.26 24.58 8.80
C VAL C 82 5.76 26.04 8.69
N LYS C 83 5.25 26.60 9.79
CA LYS C 83 4.82 28.00 9.81
C LYS C 83 6.03 28.96 9.66
N GLU C 84 7.23 28.54 10.13
CA GLU C 84 8.45 29.36 10.11
C GLU C 84 9.26 29.21 8.82
N SER C 85 9.24 28.03 8.17
CA SER C 85 10.00 27.83 6.94
C SER C 85 9.60 26.54 6.26
N PRO C 86 10.07 26.27 5.02
CA PRO C 86 9.92 24.92 4.46
C PRO C 86 10.69 23.95 5.37
N VAL C 87 10.18 22.72 5.52
CA VAL C 87 10.78 21.73 6.40
C VAL C 87 11.01 20.42 5.65
N VAL C 88 12.18 19.79 5.89
CA VAL C 88 12.49 18.48 5.33
C VAL C 88 12.72 17.53 6.53
N VAL C 89 11.95 16.44 6.58
CA VAL C 89 12.03 15.45 7.65
C VAL C 89 12.82 14.24 7.17
N ASP C 90 13.89 13.92 7.85
CA ASP C 90 14.70 12.75 7.55
C ASP C 90 14.18 11.58 8.39
N THR C 91 13.65 10.52 7.76
CA THR C 91 13.20 9.33 8.50
C THR C 91 13.17 8.12 7.57
N HIS C 92 12.72 6.97 8.07
CA HIS C 92 12.63 5.76 7.25
C HIS C 92 11.20 5.51 6.86
N SER C 93 10.97 5.03 5.64
CA SER C 93 9.62 4.65 5.21
C SER C 93 9.25 3.42 6.08
N THR C 94 10.14 2.42 6.14
CA THR C 94 10.02 1.32 7.08
C THR C 94 11.42 1.04 7.61
N ILE C 95 11.52 0.52 8.83
CA ILE C 95 12.78 0.08 9.43
C ILE C 95 12.77 -1.44 9.37
N LYS C 96 13.85 -2.04 8.88
CA LYS C 96 13.93 -3.51 8.78
C LYS C 96 14.38 -4.08 10.15
N THR C 97 13.45 -4.58 10.97
CA THR C 97 13.75 -5.12 12.31
C THR C 97 13.69 -6.65 12.27
N PRO C 98 14.17 -7.37 13.31
CA PRO C 98 14.02 -8.85 13.30
C PRO C 98 12.56 -9.33 13.27
N LYS C 99 11.60 -8.49 13.73
CA LYS C 99 10.17 -8.84 13.71
C LYS C 99 9.47 -8.37 12.43
N GLY C 100 10.23 -7.82 11.46
CA GLY C 100 9.67 -7.35 10.18
C GLY C 100 9.86 -5.88 9.95
N TYR C 101 9.29 -5.40 8.84
CA TYR C 101 9.38 -3.99 8.42
C TYR C 101 8.43 -3.15 9.30
N LEU C 102 8.99 -2.21 10.06
CA LEU C 102 8.21 -1.35 10.98
C LEU C 102 7.93 -0.03 10.26
N PRO C 103 6.67 0.37 10.04
CA PRO C 103 6.43 1.68 9.41
C PRO C 103 7.00 2.83 10.21
N GLY C 104 7.70 3.74 9.53
CA GLY C 104 8.27 4.92 10.17
C GLY C 104 7.22 5.98 10.46
N LEU C 105 6.14 6.00 9.65
CA LEU C 105 5.06 6.97 9.79
C LEU C 105 3.72 6.23 9.85
N PRO C 106 3.41 5.53 10.96
CA PRO C 106 2.07 4.94 11.08
C PRO C 106 1.00 6.07 10.96
N VAL C 107 -0.21 5.69 10.59
CA VAL C 107 -1.32 6.61 10.29
C VAL C 107 -1.51 7.74 11.36
N TRP C 108 -1.29 7.45 12.66
CA TRP C 108 -1.42 8.51 13.70
C TRP C 108 -0.35 9.61 13.54
N VAL C 109 0.85 9.28 13.02
CA VAL C 109 1.90 10.28 12.77
C VAL C 109 1.49 11.11 11.54
N LEU C 110 1.07 10.42 10.45
CA LEU C 110 0.65 11.07 9.19
C LEU C 110 -0.44 12.12 9.44
N ASN C 111 -1.42 11.78 10.29
CA ASN C 111 -2.53 12.71 10.62
C ASN C 111 -2.06 14.00 11.32
N GLU C 112 -0.91 13.96 12.02
CA GLU C 112 -0.33 15.14 12.69
C GLU C 112 0.64 15.87 11.76
N LEU C 113 1.44 15.10 10.99
CA LEU C 113 2.45 15.68 10.09
C LEU C 113 1.86 16.39 8.90
N ASN C 114 0.85 15.81 8.21
CA ASN C 114 0.26 16.38 6.98
C ASN C 114 1.36 16.73 5.94
N PRO C 115 2.17 15.74 5.56
CA PRO C 115 3.23 16.01 4.58
C PRO C 115 2.68 16.32 3.19
N ASP C 116 3.43 17.14 2.44
CA ASP C 116 3.10 17.51 1.06
C ASP C 116 3.75 16.53 0.06
N ILE C 117 4.97 16.09 0.35
CA ILE C 117 5.73 15.19 -0.53
C ILE C 117 6.45 14.15 0.29
N ILE C 118 6.46 12.89 -0.21
CA ILE C 118 7.22 11.80 0.40
C ILE C 118 8.27 11.47 -0.66
N ILE C 119 9.55 11.58 -0.34
CA ILE C 119 10.62 11.25 -1.28
C ILE C 119 11.20 9.91 -0.86
N VAL C 120 11.41 9.02 -1.85
CA VAL C 120 11.99 7.69 -1.65
C VAL C 120 13.29 7.70 -2.41
N VAL C 121 14.44 7.69 -1.70
CA VAL C 121 15.74 7.71 -2.36
C VAL C 121 16.19 6.26 -2.51
N GLU C 122 16.60 5.84 -3.72
CA GLU C 122 16.99 4.46 -3.99
C GLU C 122 18.25 4.35 -4.80
N THR C 123 18.77 3.14 -4.87
CA THR C 123 19.79 2.71 -5.83
C THR C 123 19.65 1.20 -5.92
N SER C 124 20.52 0.52 -6.69
CA SER C 124 20.40 -0.92 -6.80
C SER C 124 20.84 -1.60 -5.50
N GLY C 125 20.36 -2.81 -5.27
CA GLY C 125 20.76 -3.63 -4.13
C GLY C 125 22.27 -3.84 -4.11
N ASP C 126 22.89 -4.03 -5.31
CA ASP C 126 24.35 -4.17 -5.41
C ASP C 126 25.08 -2.94 -4.88
N GLU C 127 24.68 -1.74 -5.34
CA GLU C 127 25.34 -0.52 -4.89
C GLU C 127 25.21 -0.31 -3.40
N ILE C 128 24.03 -0.59 -2.82
CA ILE C 128 23.81 -0.46 -1.37
C ILE C 128 24.68 -1.44 -0.62
N LEU C 129 24.66 -2.71 -1.04
CA LEU C 129 25.43 -3.74 -0.34
C LEU C 129 26.92 -3.39 -0.30
N ILE C 130 27.51 -2.96 -1.43
CA ILE C 130 28.94 -2.61 -1.48
C ILE C 130 29.22 -1.35 -0.64
N ARG C 131 28.33 -0.34 -0.67
CA ARG C 131 28.50 0.87 0.15
C ARG C 131 28.58 0.50 1.64
N ARG C 132 27.66 -0.38 2.09
CA ARG C 132 27.65 -0.85 3.48
C ARG C 132 28.92 -1.63 3.84
N LEU C 133 29.41 -2.49 2.92
CA LEU C 133 30.65 -3.26 3.13
C LEU C 133 31.86 -2.31 3.34
N ASN C 134 31.90 -1.20 2.58
CA ASN C 134 32.98 -0.22 2.64
C ASN C 134 32.88 0.74 3.82
N ASP C 135 31.74 0.79 4.54
CA ASP C 135 31.58 1.68 5.68
C ASP C 135 32.17 1.00 6.93
N GLU C 136 33.20 1.61 7.54
CA GLU C 136 33.88 1.05 8.73
C GLU C 136 33.05 1.21 10.01
N THR C 137 32.19 2.24 10.09
CA THR C 137 31.33 2.45 11.28
C THR C 137 30.19 1.41 11.34
N ARG C 138 29.80 0.82 10.17
CA ARG C 138 28.73 -0.19 10.13
C ARG C 138 29.29 -1.56 10.51
N ASN C 139 28.41 -2.45 11.01
CA ASN C 139 28.76 -3.82 11.43
C ASN C 139 28.17 -4.84 10.44
N ARG C 140 29.00 -5.81 9.99
CA ARG C 140 28.57 -6.83 9.00
C ARG C 140 27.45 -7.74 9.52
N ASP C 141 26.35 -7.85 8.74
CA ASP C 141 25.16 -8.64 9.07
C ASP C 141 24.84 -9.80 8.08
N LEU C 142 25.36 -9.73 6.83
CA LEU C 142 25.11 -10.67 5.72
C LEU C 142 23.73 -10.41 5.05
N GLU C 143 23.26 -9.13 4.99
CA GLU C 143 22.03 -8.80 4.26
C GLU C 143 22.39 -8.94 2.78
N THR C 144 21.56 -9.64 2.00
CA THR C 144 21.83 -9.90 0.59
C THR C 144 21.23 -8.77 -0.27
N THR C 145 21.54 -8.76 -1.59
CA THR C 145 20.90 -7.77 -2.48
C THR C 145 19.39 -8.08 -2.56
N ALA C 146 18.99 -9.38 -2.47
CA ALA C 146 17.57 -9.74 -2.46
C ALA C 146 16.88 -9.12 -1.22
N GLY C 147 17.56 -9.15 -0.06
CA GLY C 147 17.03 -8.55 1.17
C GLY C 147 16.88 -7.04 1.04
N ILE C 148 17.87 -6.39 0.44
CA ILE C 148 17.82 -4.93 0.23
C ILE C 148 16.70 -4.59 -0.76
N GLU C 149 16.58 -5.37 -1.86
CA GLU C 149 15.51 -5.14 -2.85
C GLU C 149 14.13 -5.32 -2.22
N GLU C 150 13.99 -6.35 -1.36
CA GLU C 150 12.73 -6.57 -0.64
C GLU C 150 12.44 -5.36 0.25
N HIS C 151 13.45 -4.81 0.95
CA HIS C 151 13.23 -3.63 1.79
C HIS C 151 12.79 -2.43 0.91
N GLN C 152 13.41 -2.25 -0.26
CA GLN C 152 13.01 -1.14 -1.14
C GLN C 152 11.59 -1.34 -1.70
N ILE C 153 11.19 -2.61 -1.97
CA ILE C 153 9.81 -2.92 -2.41
C ILE C 153 8.81 -2.48 -1.30
N MET C 154 9.09 -2.86 -0.05
CA MET C 154 8.19 -2.54 1.07
C MET C 154 8.20 -1.05 1.39
N ASN C 155 9.38 -0.38 1.30
CA ASN C 155 9.45 1.08 1.47
C ASN C 155 8.59 1.81 0.44
N ARG C 156 8.62 1.38 -0.83
CA ARG C 156 7.80 2.02 -1.89
C ARG C 156 6.31 1.84 -1.59
N ALA C 157 5.91 0.62 -1.18
CA ALA C 157 4.50 0.33 -0.88
C ALA C 157 4.04 1.14 0.32
N ALA C 158 4.86 1.22 1.39
CA ALA C 158 4.49 2.02 2.57
C ALA C 158 4.39 3.50 2.18
N ALA C 159 5.36 4.00 1.41
CA ALA C 159 5.36 5.42 0.95
C ALA C 159 4.12 5.72 0.12
N MET C 160 3.73 4.78 -0.77
CA MET C 160 2.52 4.99 -1.56
C MET C 160 1.28 5.03 -0.64
N THR C 161 1.25 4.18 0.39
CA THR C 161 0.15 4.22 1.37
C THR C 161 0.14 5.57 2.10
N TYR C 162 1.33 6.10 2.44
CA TYR C 162 1.42 7.43 3.09
C TYR C 162 0.79 8.50 2.20
N GLY C 163 1.04 8.41 0.88
CA GLY C 163 0.47 9.34 -0.10
C GLY C 163 -1.04 9.23 -0.16
N VAL C 164 -1.58 8.00 -0.17
CA VAL C 164 -3.05 7.81 -0.21
C VAL C 164 -3.73 8.41 1.04
N LEU C 165 -3.13 8.21 2.22
CA LEU C 165 -3.70 8.68 3.49
C LEU C 165 -3.59 10.20 3.71
N THR C 166 -2.65 10.88 3.06
CA THR C 166 -2.42 12.32 3.26
C THR C 166 -2.65 13.18 2.02
N GLY C 167 -2.69 12.57 0.83
CA GLY C 167 -2.76 13.29 -0.44
C GLY C 167 -1.39 13.72 -0.93
N ALA C 168 -0.30 13.38 -0.21
CA ALA C 168 1.04 13.79 -0.62
C ALA C 168 1.44 13.09 -1.92
N THR C 169 2.29 13.73 -2.73
CA THR C 169 2.87 13.06 -3.90
C THR C 169 4.02 12.20 -3.39
N VAL C 170 4.34 11.12 -4.09
CA VAL C 170 5.40 10.20 -3.68
C VAL C 170 6.44 10.18 -4.80
N LYS C 171 7.62 10.76 -4.56
CA LYS C 171 8.65 10.89 -5.59
C LYS C 171 9.77 9.87 -5.35
N ILE C 172 10.16 9.13 -6.37
CA ILE C 172 11.29 8.18 -6.24
C ILE C 172 12.48 8.81 -6.96
N ILE C 173 13.64 8.92 -6.29
CA ILE C 173 14.86 9.50 -6.87
C ILE C 173 15.96 8.47 -6.76
N GLN C 174 16.66 8.20 -7.88
CA GLN C 174 17.79 7.28 -7.86
C GLN C 174 19.06 8.06 -7.48
N ASN C 175 19.76 7.61 -6.43
CA ASN C 175 21.03 8.22 -6.02
C ASN C 175 22.11 7.18 -6.32
N LYS C 176 22.56 7.15 -7.58
CA LYS C 176 23.53 6.15 -8.04
C LYS C 176 24.98 6.55 -7.84
N ASN C 177 25.87 5.56 -7.69
CA ASN C 177 27.31 5.81 -7.54
C ASN C 177 27.79 6.67 -8.69
N ASN C 178 28.61 7.68 -8.37
CA ASN C 178 29.24 8.63 -9.32
C ASN C 178 28.24 9.51 -10.08
N LEU C 179 26.95 9.54 -9.65
CA LEU C 179 25.91 10.37 -10.27
C LEU C 179 25.16 11.12 -9.14
N LEU C 180 25.88 11.48 -8.10
CA LEU C 180 25.30 12.18 -6.95
C LEU C 180 24.73 13.54 -7.35
N ASP C 181 25.44 14.30 -8.17
CA ASP C 181 24.98 15.62 -8.61
C ASP C 181 23.64 15.55 -9.36
N TYR C 182 23.37 14.46 -10.09
CA TYR C 182 22.09 14.28 -10.80
C TYR C 182 20.94 14.08 -9.80
N ALA C 183 21.18 13.33 -8.72
CA ALA C 183 20.18 13.12 -7.67
C ALA C 183 19.94 14.43 -6.92
N VAL C 184 21.01 15.20 -6.65
CA VAL C 184 20.86 16.49 -5.97
C VAL C 184 20.01 17.47 -6.83
N GLU C 185 20.26 17.54 -8.14
CA GLU C 185 19.48 18.42 -9.05
C GLU C 185 18.02 17.99 -9.10
N GLU C 186 17.77 16.68 -9.15
CA GLU C 186 16.41 16.19 -9.17
C GLU C 186 15.69 16.55 -7.83
N LEU C 187 16.37 16.45 -6.68
CA LEU C 187 15.81 16.79 -5.38
C LEU C 187 15.55 18.31 -5.24
N ILE C 188 16.48 19.15 -5.74
CA ILE C 188 16.29 20.62 -5.73
C ILE C 188 14.98 20.97 -6.46
N SER C 189 14.77 20.39 -7.65
CA SER C 189 13.56 20.66 -8.45
C SER C 189 12.27 20.31 -7.69
N VAL C 190 12.29 19.22 -6.91
CA VAL C 190 11.12 18.79 -6.15
C VAL C 190 10.93 19.70 -4.91
N LEU C 191 12.03 20.06 -4.23
CA LEU C 191 11.94 20.91 -3.04
C LEU C 191 11.59 22.35 -3.31
N ARG C 192 11.96 22.87 -4.48
CA ARG C 192 11.67 24.27 -4.81
C ARG C 192 10.16 24.58 -4.72
C21 7MT D . -8.18 -25.36 2.11
C10 7MT D . -0.92 -27.58 -0.02
C11 7MT D . -6.62 -27.47 1.22
C01 7MT D . -2.10 -29.68 1.85
C03 7MT D . -3.45 -29.59 1.07
C04 7MT D . -1.10 -28.37 3.66
C05 7MT D . -2.29 -28.32 4.65
C07 7MT D . -4.70 -28.29 4.19
C08 7MT D . -4.94 -29.28 3.04
C13 7MT D . -0.25 -27.89 -1.20
C14 7MT D . -0.78 -27.49 -2.39
C15 7MT D . -1.94 -26.80 -2.46
C16 7MT D . -2.60 -26.47 -1.25
C18 7MT D . -3.88 -25.66 -1.20
C19 7MT D . -7.97 -27.42 0.91
C20 7MT D . -8.75 -26.37 1.36
C22 7MT D . -6.83 -25.44 2.41
C24 7MT D . -6.02 -24.43 3.20
C29 7MT D . -5.64 -28.59 0.77
C30 7MT D . -0.39 -27.98 1.38
N02 7MT D . -1.55 -28.34 2.25
N06 7MT D . -3.43 -27.59 4.07
N09 7MT D . -4.51 -28.75 1.72
N17 7MT D . -2.06 -26.87 -0.07
N23 7MT D . -6.09 -26.49 1.96
O25 7MT D . -6.54 -23.41 3.72
O26 7MT D . -4.79 -24.65 3.26
O27 7MT D . -4.42 -25.46 -0.07
O28 7MT D . -4.40 -25.19 -2.24
TB 7MT D . -3.44 -26.24 1.94
TB TB E . -25.04 -9.85 18.94
MG MG F . -5.57 -21.72 4.47
C1 GOL G . -1.34 -21.88 2.13
O1 GOL G . -2.27 -20.82 2.32
C2 GOL G . -2.02 -23.29 2.30
O2 GOL G . -2.52 -23.93 1.18
C3 GOL G . -1.00 -24.25 2.77
O3 GOL G . -1.74 -25.32 3.25
C21 7MT H . -5.64 12.40 -22.79
C10 7MT H . -3.08 6.15 -26.49
C11 7MT H . -4.86 11.36 -25.22
C01 7MT H . -5.19 7.37 -28.28
C03 7MT H . -4.58 8.77 -28.02
C04 7MT H . -6.82 6.02 -27.06
C05 7MT H . -7.90 7.09 -26.84
C07 7MT H . -7.70 9.48 -26.34
C08 7MT H . -6.63 9.97 -27.33
C13 7MT H . -1.90 5.74 -27.12
C14 7MT H . -0.72 6.34 -26.79
C15 7MT H . -0.68 7.34 -25.86
C16 7MT H . -1.87 7.75 -25.23
C18 7MT H . -1.94 8.85 -24.18
C19 7MT H . -4.64 12.70 -24.94
C20 7MT H . -5.03 13.21 -23.72
C22 7MT H . -5.85 11.05 -23.09
C24 7MT H . -6.52 10.08 -22.13
C29 7MT H . -4.42 10.73 -26.58
C30 7MT H . -4.46 5.52 -26.81
N02 7MT H . -5.48 6.59 -27.04
N06 7MT H . -7.44 8.12 -25.89
N09 7MT H . -5.26 9.55 -26.94
N17 7MT H . -3.03 7.13 -25.57
N23 7MT H . -5.45 10.57 -24.31
O25 7MT H . -6.98 10.42 -21.01
O26 7MT H . -6.60 8.88 -22.51
O27 7MT H . -3.08 9.16 -23.73
O28 7MT H . -0.91 9.46 -23.77
TB 7MT H . -5.06 8.05 -24.60
MG MG I . -7.31 8.96 -19.58
C1 GOL J . -4.51 5.55 -22.49
O1 GOL J . -4.05 6.87 -22.62
C2 GOL J . -5.96 5.75 -22.45
O2 GOL J . -6.33 5.85 -23.75
C3 GOL J . -6.59 4.61 -21.57
O3 GOL J . -7.48 5.11 -20.62
TB TB K . 20.26 4.56 14.66
#